data_5J5T
#
_entry.id   5J5T
#
_cell.length_a   92.703
_cell.length_b   63.324
_cell.length_c   64.916
_cell.angle_alpha   90.00
_cell.angle_beta   116.04
_cell.angle_gamma   90.00
#
_symmetry.space_group_name_H-M   'C 1 2 1'
#
loop_
_entity.id
_entity.type
_entity.pdbx_description
1 polymer 'Mitogen-activated protein kinase kinase kinase kinase 3'
2 non-polymer 5-[2-(piperidin-4-yl)-1,3-thiazol-5-yl]-3-[(pyridin-4-yl)methoxy]pyridin-2-amine
3 water water
#
_entity_poly.entity_id   1
_entity_poly.type   'polypeptide(L)'
_entity_poly.pdbx_seq_one_letter_code
;GSQEDFELIQRIGSGTYGDVYKARNVNTGELAAIKVIKLEPGEDFAVVQQEIIMMKDCKHPNIVAYFGSYLRRDKLWICM
EFCGGGSLQDIYHVTGPLSELQIAYVSRETLQGLYYLHSKGKMHRDIKGANILL(TPO)DNGHVKLADFGVSAQITATIA
KRKAFIGTPYWMAPEVAAVERKGGYNQLCDLWAVGITAIELAELQPPMFDLHPMRALFLMTKSNFQPPKLKDKMKWSNSF
HHFVKMALTKNPKKRPTAEKLLQHPFVTQHLTRSLAIELLDKVNNPDHSTYHDFDDDDPEPLVAVPHRIHSTSRNVREEK
TRSEITFGQVKFDPPLRKETEPHHELPDSDGFLDSSEEIYYTARSNLDLQLEYG
;
_entity_poly.pdbx_strand_id   A
#
# COMPACT_ATOMS: atom_id res chain seq x y z
N SER A 2 16.07 -4.92 -23.70
CA SER A 2 14.86 -4.78 -24.50
C SER A 2 13.69 -5.54 -23.87
N GLN A 3 12.51 -5.39 -24.47
CA GLN A 3 11.34 -6.15 -24.05
C GLN A 3 11.59 -7.65 -24.23
N GLU A 4 12.41 -7.97 -25.23
CA GLU A 4 12.71 -9.36 -25.57
C GLU A 4 13.51 -10.08 -24.49
N ASP A 5 13.98 -9.35 -23.49
CA ASP A 5 14.74 -9.94 -22.39
C ASP A 5 13.82 -10.59 -21.37
N PHE A 6 12.53 -10.29 -21.44
CA PHE A 6 11.56 -10.82 -20.49
C PHE A 6 10.43 -11.54 -21.20
N GLU A 7 9.88 -12.56 -20.52
CA GLU A 7 8.71 -13.27 -21.01
C GLU A 7 7.59 -13.17 -19.98
N LEU A 8 6.47 -12.58 -20.40
CA LEU A 8 5.32 -12.43 -19.51
C LEU A 8 4.73 -13.80 -19.17
N ILE A 9 4.59 -14.07 -17.88
CA ILE A 9 4.16 -15.39 -17.42
C ILE A 9 2.67 -15.43 -17.11
N GLN A 10 2.19 -14.47 -16.33
CA GLN A 10 0.76 -14.37 -16.01
C GLN A 10 0.41 -13.02 -15.40
N ARG A 11 -0.79 -12.54 -15.70
CA ARG A 11 -1.26 -11.28 -15.12
C ARG A 11 -1.47 -11.46 -13.62
N ILE A 12 -0.91 -10.55 -12.83
CA ILE A 12 -0.95 -10.67 -11.39
C ILE A 12 -1.71 -9.52 -10.74
N GLY A 13 -2.12 -8.56 -11.55
CA GLY A 13 -2.89 -7.44 -11.05
C GLY A 13 -3.20 -6.42 -12.11
N SER A 14 -3.78 -5.30 -11.69
CA SER A 14 -4.08 -4.21 -12.60
C SER A 14 -3.73 -2.88 -11.93
N GLY A 15 -2.67 -2.24 -12.43
CA GLY A 15 -2.26 -0.95 -11.91
C GLY A 15 -3.24 0.15 -12.24
N THR A 16 -2.89 1.38 -11.88
CA THR A 16 -3.71 2.54 -12.21
C THR A 16 -3.91 2.65 -13.72
N TYR A 17 -2.87 2.27 -14.47
CA TYR A 17 -2.88 2.44 -15.92
C TYR A 17 -3.13 1.14 -16.68
N GLY A 18 -2.18 0.21 -16.60
CA GLY A 18 -2.27 -1.02 -17.37
C GLY A 18 -2.31 -2.27 -16.52
N ASP A 19 -1.94 -3.39 -17.13
CA ASP A 19 -1.90 -4.66 -16.43
C ASP A 19 -0.51 -4.92 -15.87
N VAL A 20 -0.45 -5.62 -14.74
CA VAL A 20 0.83 -6.07 -14.19
C VAL A 20 0.96 -7.56 -14.45
N TYR A 21 2.10 -7.97 -14.99
CA TYR A 21 2.35 -9.37 -15.29
C TYR A 21 3.53 -9.92 -14.49
N LYS A 22 3.38 -11.13 -13.98
CA LYS A 22 4.53 -11.87 -13.48
C LYS A 22 5.41 -12.17 -14.69
N ALA A 23 6.70 -11.90 -14.57
CA ALA A 23 7.60 -12.07 -15.70
C ALA A 23 8.92 -12.69 -15.27
N ARG A 24 9.60 -13.31 -16.23
CA ARG A 24 10.88 -13.95 -15.98
C ARG A 24 11.91 -13.48 -16.99
N ASN A 25 13.14 -13.27 -16.52
CA ASN A 25 14.23 -12.88 -17.41
C ASN A 25 14.70 -14.06 -18.24
N VAL A 26 14.87 -13.84 -19.54
CA VAL A 26 15.24 -14.90 -20.47
C VAL A 26 16.63 -15.48 -20.17
N ASN A 27 17.55 -14.62 -19.73
CA ASN A 27 18.91 -15.04 -19.48
C ASN A 27 19.20 -15.38 -18.02
N THR A 28 18.92 -14.43 -17.14
CA THR A 28 19.25 -14.58 -15.72
C THR A 28 18.26 -15.47 -14.99
N GLY A 29 17.08 -15.63 -15.56
CA GLY A 29 16.04 -16.43 -14.94
C GLY A 29 15.39 -15.74 -13.75
N GLU A 30 15.77 -14.49 -13.53
CA GLU A 30 15.25 -13.72 -12.41
C GLU A 30 13.79 -13.33 -12.63
N LEU A 31 13.00 -13.37 -11.57
CA LEU A 31 11.61 -12.96 -11.63
C LEU A 31 11.46 -11.45 -11.51
N ALA A 32 10.47 -10.90 -12.18
CA ALA A 32 10.20 -9.47 -12.12
C ALA A 32 8.73 -9.18 -12.38
N ALA A 33 8.28 -8.02 -11.94
CA ALA A 33 6.92 -7.57 -12.22
C ALA A 33 6.97 -6.52 -13.32
N ILE A 34 6.15 -6.71 -14.34
CA ILE A 34 6.14 -5.78 -15.46
C ILE A 34 4.77 -5.14 -15.67
N LYS A 35 4.75 -3.82 -15.60
CA LYS A 35 3.52 -3.06 -15.84
C LYS A 35 3.43 -2.69 -17.31
N VAL A 36 2.51 -3.33 -18.03
CA VAL A 36 2.32 -3.04 -19.45
C VAL A 36 1.28 -1.95 -19.63
N ILE A 37 1.71 -0.82 -20.21
CA ILE A 37 0.85 0.33 -20.39
C ILE A 37 0.65 0.63 -21.87
N LYS A 38 -0.62 0.64 -22.30
CA LYS A 38 -0.94 0.97 -23.68
C LYS A 38 -1.11 2.47 -23.86
N LEU A 39 -0.26 3.05 -24.70
CA LEU A 39 -0.27 4.48 -24.93
C LEU A 39 -0.88 4.82 -26.30
N GLU A 40 -1.83 5.75 -26.31
CA GLU A 40 -2.38 6.24 -27.56
C GLU A 40 -1.47 7.33 -28.12
N PRO A 41 -1.29 7.33 -29.43
CA PRO A 41 -0.42 8.28 -30.11
C PRO A 41 -0.84 9.69 -29.82
N GLY A 42 0.11 10.52 -29.41
CA GLY A 42 -0.16 11.90 -29.11
C GLY A 42 -0.64 12.22 -27.71
N GLU A 43 -1.03 11.18 -26.95
CA GLU A 43 -1.54 11.34 -25.59
C GLU A 43 -0.55 11.91 -24.61
N ASP A 44 -1.05 12.48 -23.52
CA ASP A 44 -0.20 13.03 -22.49
C ASP A 44 0.66 11.95 -21.85
N PHE A 45 1.91 11.93 -22.26
CA PHE A 45 2.90 11.01 -21.78
C PHE A 45 3.58 11.48 -20.53
N ALA A 46 3.39 12.73 -20.20
CA ALA A 46 4.01 13.30 -19.07
C ALA A 46 3.57 12.66 -17.86
N VAL A 47 2.58 11.81 -17.93
CA VAL A 47 2.13 11.25 -16.67
C VAL A 47 2.84 9.94 -16.36
N VAL A 48 2.92 9.06 -17.35
CA VAL A 48 3.63 7.80 -17.18
C VAL A 48 5.13 8.05 -17.12
N GLN A 49 5.55 9.10 -17.82
CA GLN A 49 6.93 9.57 -17.77
C GLN A 49 7.31 9.95 -16.35
N GLN A 50 6.39 10.63 -15.67
CA GLN A 50 6.61 11.08 -14.30
C GLN A 50 6.68 9.91 -13.32
N GLU A 51 5.83 8.92 -13.54
CA GLU A 51 5.80 7.74 -12.67
C GLU A 51 7.12 6.98 -12.70
N ILE A 52 7.66 6.83 -13.91
CA ILE A 52 8.95 6.16 -14.08
C ILE A 52 10.05 6.93 -13.37
N ILE A 53 10.08 8.24 -13.58
CA ILE A 53 11.07 9.12 -12.95
C ILE A 53 11.04 8.98 -11.42
N MET A 54 9.84 8.99 -10.85
CA MET A 54 9.71 8.88 -9.40
C MET A 54 10.16 7.51 -8.90
N MET A 55 9.74 6.45 -9.60
CA MET A 55 10.20 5.10 -9.30
C MET A 55 11.72 5.03 -9.39
N LYS A 56 12.24 5.63 -10.45
CA LYS A 56 13.67 5.70 -10.71
C LYS A 56 14.40 6.49 -9.63
N ASP A 57 13.67 7.43 -9.01
CA ASP A 57 14.25 8.35 -8.05
C ASP A 57 14.11 7.87 -6.61
N CYS A 58 13.49 6.70 -6.43
CA CYS A 58 13.28 6.15 -5.10
C CYS A 58 14.05 4.85 -4.88
N LYS A 59 15.03 4.88 -4.00
CA LYS A 59 15.76 3.68 -3.63
C LYS A 59 15.70 3.49 -2.11
N HIS A 60 14.69 2.75 -1.67
CA HIS A 60 14.43 2.52 -0.25
C HIS A 60 13.91 1.10 -0.05
N PRO A 61 14.30 0.44 1.06
CA PRO A 61 13.90 -0.95 1.28
C PRO A 61 12.39 -1.15 1.39
N ASN A 62 11.63 -0.08 1.60
CA ASN A 62 10.18 -0.18 1.73
C ASN A 62 9.44 0.36 0.51
N ILE A 63 10.17 0.54 -0.58
CA ILE A 63 9.57 0.96 -1.85
C ILE A 63 9.95 -0.04 -2.94
N VAL A 64 8.97 -0.43 -3.75
CA VAL A 64 9.21 -1.34 -4.86
C VAL A 64 10.31 -0.80 -5.78
N ALA A 65 11.40 -1.54 -5.88
CA ALA A 65 12.57 -1.11 -6.64
C ALA A 65 12.31 -1.14 -8.15
N TYR A 66 12.91 -0.17 -8.84
CA TYR A 66 12.78 -0.04 -10.29
C TYR A 66 13.92 -0.77 -10.99
N PHE A 67 13.58 -1.67 -11.91
CA PHE A 67 14.59 -2.39 -12.67
C PHE A 67 14.86 -1.72 -14.02
N GLY A 68 13.79 -1.43 -14.75
CA GLY A 68 13.91 -0.77 -16.04
C GLY A 68 12.57 -0.47 -16.67
N SER A 69 12.59 0.24 -17.79
CA SER A 69 11.39 0.53 -18.55
C SER A 69 11.69 0.51 -20.05
N TYR A 70 10.82 -0.17 -20.81
CA TYR A 70 11.04 -0.31 -22.24
C TYR A 70 9.80 0.07 -23.03
N LEU A 71 9.98 0.89 -24.06
CA LEU A 71 8.88 1.33 -24.90
C LEU A 71 9.06 0.85 -26.33
N ARG A 72 8.08 0.09 -26.81
CA ARG A 72 8.11 -0.44 -28.17
C ARG A 72 6.73 -0.35 -28.84
N ARG A 73 6.59 0.65 -29.70
CA ARG A 73 5.39 0.83 -30.53
C ARG A 73 4.11 0.96 -29.71
N ASP A 74 3.99 2.09 -29.01
CA ASP A 74 2.78 2.40 -28.25
C ASP A 74 2.56 1.48 -27.05
N LYS A 75 3.53 0.62 -26.78
CA LYS A 75 3.46 -0.29 -25.64
C LYS A 75 4.66 -0.08 -24.71
N LEU A 76 4.38 0.41 -23.52
CA LEU A 76 5.43 0.70 -22.56
C LEU A 76 5.47 -0.32 -21.42
N TRP A 77 6.63 -0.94 -21.25
CA TRP A 77 6.85 -1.85 -20.13
C TRP A 77 7.59 -1.12 -19.02
N ILE A 78 7.21 -1.37 -17.77
CA ILE A 78 7.94 -0.86 -16.62
C ILE A 78 8.31 -2.01 -15.70
N CYS A 79 9.59 -2.32 -15.64
CA CYS A 79 10.06 -3.47 -14.87
C CYS A 79 10.42 -3.09 -13.44
N MET A 80 9.98 -3.92 -12.50
CA MET A 80 10.22 -3.69 -11.08
C MET A 80 10.36 -5.03 -10.35
N GLU A 81 10.82 -4.99 -9.12
CA GLU A 81 11.02 -6.22 -8.36
C GLU A 81 9.69 -6.93 -8.13
N PHE A 82 9.75 -8.27 -8.08
CA PHE A 82 8.55 -9.07 -7.91
C PHE A 82 8.32 -9.42 -6.44
N CYS A 83 7.19 -8.99 -5.91
CA CYS A 83 6.83 -9.29 -4.52
C CYS A 83 5.93 -10.51 -4.48
N GLY A 84 6.53 -11.66 -4.17
CA GLY A 84 5.86 -12.94 -4.23
C GLY A 84 4.56 -13.06 -3.46
N GLY A 85 4.49 -12.40 -2.31
CA GLY A 85 3.31 -12.44 -1.47
C GLY A 85 2.09 -11.84 -2.15
N GLY A 86 2.30 -10.77 -2.90
CA GLY A 86 1.22 -10.07 -3.55
C GLY A 86 0.69 -8.93 -2.70
N SER A 87 -0.37 -8.28 -3.17
CA SER A 87 -0.96 -7.18 -2.42
C SER A 87 -1.56 -7.66 -1.11
N LEU A 88 -1.64 -6.76 -0.13
CA LEU A 88 -2.27 -7.10 1.14
C LEU A 88 -3.75 -7.37 0.93
N GLN A 89 -4.36 -6.63 0.00
CA GLN A 89 -5.76 -6.82 -0.32
C GLN A 89 -6.00 -8.22 -0.89
N ASP A 90 -5.09 -8.66 -1.76
CA ASP A 90 -5.17 -10.00 -2.32
C ASP A 90 -5.04 -11.04 -1.21
N ILE A 91 -4.24 -10.71 -0.20
CA ILE A 91 -4.01 -11.62 0.92
C ILE A 91 -5.23 -11.75 1.82
N TYR A 92 -5.73 -10.63 2.33
CA TYR A 92 -6.83 -10.70 3.30
C TYR A 92 -8.17 -11.03 2.63
N HIS A 93 -8.15 -11.24 1.32
CA HIS A 93 -9.34 -11.74 0.63
C HIS A 93 -9.41 -13.25 0.77
N VAL A 94 -8.25 -13.87 0.92
CA VAL A 94 -8.18 -15.31 1.21
C VAL A 94 -8.04 -15.51 2.71
N THR A 95 -6.97 -14.95 3.26
CA THR A 95 -6.78 -14.82 4.70
C THR A 95 -7.98 -14.11 5.32
N GLY A 96 -8.25 -14.33 6.60
CA GLY A 96 -9.21 -13.51 7.30
C GLY A 96 -8.61 -12.14 7.57
N PRO A 97 -9.22 -11.38 8.50
CA PRO A 97 -8.59 -10.13 8.92
C PRO A 97 -7.19 -10.37 9.49
N LEU A 98 -6.32 -9.38 9.39
CA LEU A 98 -4.96 -9.51 9.90
C LEU A 98 -4.93 -9.45 11.42
N SER A 99 -3.84 -9.93 12.00
CA SER A 99 -3.63 -9.83 13.43
C SER A 99 -3.29 -8.39 13.78
N GLU A 100 -3.39 -8.04 15.06
CA GLU A 100 -3.02 -6.70 15.49
C GLU A 100 -1.53 -6.47 15.29
N LEU A 101 -0.73 -7.49 15.58
CA LEU A 101 0.71 -7.40 15.42
C LEU A 101 1.11 -7.37 13.95
N GLN A 102 0.28 -8.00 13.12
CA GLN A 102 0.52 -8.00 11.68
C GLN A 102 0.21 -6.62 11.10
N ILE A 103 -0.91 -6.05 11.53
CA ILE A 103 -1.28 -4.68 11.16
C ILE A 103 -0.21 -3.70 11.64
N ALA A 104 0.30 -3.94 12.84
CA ALA A 104 1.33 -3.10 13.42
C ALA A 104 2.63 -3.13 12.62
N TYR A 105 3.05 -4.33 12.23
CA TYR A 105 4.28 -4.50 11.46
C TYR A 105 4.17 -3.80 10.11
N VAL A 106 3.08 -4.07 9.39
CA VAL A 106 2.82 -3.46 8.10
C VAL A 106 2.79 -1.93 8.20
N SER A 107 2.15 -1.42 9.24
CA SER A 107 2.01 0.01 9.44
C SER A 107 3.35 0.71 9.63
N ARG A 108 4.22 0.11 10.44
CA ARG A 108 5.53 0.70 10.69
C ARG A 108 6.36 0.78 9.41
N GLU A 109 6.29 -0.29 8.63
CA GLU A 109 7.04 -0.38 7.38
C GLU A 109 6.51 0.62 6.35
N THR A 110 5.19 0.78 6.30
CA THR A 110 4.58 1.75 5.41
C THR A 110 5.00 3.16 5.79
N LEU A 111 5.00 3.43 7.09
CA LEU A 111 5.41 4.73 7.62
C LEU A 111 6.88 5.00 7.30
N GLN A 112 7.68 3.95 7.34
CA GLN A 112 9.10 4.06 6.99
C GLN A 112 9.25 4.44 5.52
N GLY A 113 8.37 3.90 4.69
CA GLY A 113 8.37 4.23 3.27
C GLY A 113 7.97 5.66 3.02
N LEU A 114 6.91 6.10 3.70
CA LEU A 114 6.40 7.45 3.54
C LEU A 114 7.39 8.47 4.09
N TYR A 115 8.08 8.11 5.16
CA TYR A 115 9.12 8.95 5.75
C TYR A 115 10.17 9.30 4.69
N TYR A 116 10.57 8.29 3.92
CA TYR A 116 11.53 8.47 2.84
C TYR A 116 10.96 9.39 1.75
N LEU A 117 9.75 9.09 1.31
CA LEU A 117 9.10 9.88 0.26
C LEU A 117 8.90 11.33 0.68
N HIS A 118 8.53 11.53 1.95
CA HIS A 118 8.22 12.87 2.45
C HIS A 118 9.48 13.71 2.62
N SER A 119 10.58 13.09 3.01
CA SER A 119 11.85 13.81 3.12
C SER A 119 12.29 14.27 1.73
N LYS A 120 11.96 13.47 0.72
CA LYS A 120 12.24 13.83 -0.67
C LYS A 120 11.23 14.87 -1.17
N GLY A 121 10.16 15.06 -0.40
CA GLY A 121 9.14 16.03 -0.74
C GLY A 121 8.09 15.49 -1.69
N LYS A 122 7.98 14.16 -1.74
CA LYS A 122 6.99 13.51 -2.59
C LYS A 122 5.85 12.94 -1.72
N MET A 123 4.74 12.62 -2.37
CA MET A 123 3.60 12.04 -1.67
C MET A 123 3.00 10.90 -2.50
N HIS A 124 2.46 9.89 -1.83
CA HIS A 124 1.91 8.73 -2.53
C HIS A 124 0.47 8.98 -2.96
N ARG A 125 -0.34 9.48 -2.02
CA ARG A 125 -1.72 9.89 -2.27
C ARG A 125 -2.67 8.76 -2.70
N ASP A 126 -2.20 7.52 -2.61
CA ASP A 126 -3.07 6.38 -2.84
C ASP A 126 -2.62 5.20 -1.99
N ILE A 127 -2.38 5.47 -0.71
CA ILE A 127 -1.96 4.44 0.23
C ILE A 127 -3.14 3.57 0.65
N LYS A 128 -3.10 2.31 0.23
CA LYS A 128 -4.12 1.35 0.62
C LYS A 128 -3.56 -0.07 0.53
N GLY A 129 -4.37 -1.06 0.92
CA GLY A 129 -3.93 -2.44 0.96
C GLY A 129 -3.50 -2.98 -0.40
N ALA A 130 -4.09 -2.45 -1.46
CA ALA A 130 -3.78 -2.91 -2.81
C ALA A 130 -2.39 -2.44 -3.26
N ASN A 131 -1.87 -1.42 -2.58
CA ASN A 131 -0.58 -0.85 -2.94
C ASN A 131 0.54 -1.20 -1.95
N ILE A 132 0.27 -2.02 -0.99
CA ILE A 132 1.29 -2.42 -0.04
C ILE A 132 1.61 -3.85 -0.33
N LEU A 133 2.80 -4.14 -0.82
CA LEU A 133 3.16 -5.49 -1.18
C LEU A 133 4.03 -6.19 -0.20
N LEU A 134 4.12 -7.49 -0.37
CA LEU A 134 4.91 -8.36 0.47
C LEU A 134 5.84 -9.21 -0.32
N ASP A 136 8.42 -12.57 -0.54
CA ASP A 136 8.34 -13.92 -0.04
C ASP A 136 8.98 -14.14 1.33
N ASN A 137 9.98 -13.33 1.67
CA ASN A 137 10.63 -13.35 2.95
C ASN A 137 9.92 -12.53 3.99
N GLY A 138 8.85 -11.85 3.62
CA GLY A 138 8.06 -11.09 4.56
C GLY A 138 8.28 -9.62 4.63
N HIS A 139 8.96 -9.07 3.65
CA HIS A 139 9.23 -7.67 3.59
C HIS A 139 8.12 -6.91 2.94
N VAL A 140 7.91 -5.71 3.43
CA VAL A 140 6.86 -4.83 3.00
C VAL A 140 7.29 -3.69 2.11
N LYS A 141 6.85 -3.67 0.87
CA LYS A 141 7.16 -2.63 -0.08
C LYS A 141 5.90 -1.94 -0.56
N LEU A 142 6.01 -0.66 -0.85
CA LEU A 142 4.91 0.14 -1.35
C LEU A 142 4.97 0.28 -2.83
N ALA A 143 3.83 0.33 -3.48
CA ALA A 143 3.80 0.44 -4.91
C ALA A 143 2.85 1.47 -5.46
N ASP A 144 2.76 1.49 -6.78
CA ASP A 144 1.91 2.36 -7.56
C ASP A 144 2.01 3.86 -7.50
N PHE A 145 3.02 4.40 -8.13
CA PHE A 145 3.21 5.82 -8.18
C PHE A 145 2.45 6.52 -9.27
N GLY A 146 1.36 5.94 -9.77
CA GLY A 146 0.59 6.50 -10.83
C GLY A 146 -0.19 7.68 -10.39
N VAL A 147 -0.76 7.60 -9.21
CA VAL A 147 -1.54 8.67 -8.68
C VAL A 147 -0.66 9.85 -8.37
N SER A 148 0.51 9.59 -7.86
CA SER A 148 1.46 10.60 -7.53
C SER A 148 1.80 11.28 -8.78
N ALA A 149 2.00 10.52 -9.80
CA ALA A 149 2.41 11.10 -11.07
C ALA A 149 1.30 11.98 -11.65
N GLN A 150 0.06 11.53 -11.51
CA GLN A 150 -1.09 12.29 -11.99
C GLN A 150 -1.17 13.66 -11.34
N ILE A 151 -1.00 13.69 -10.01
CA ILE A 151 -1.10 14.92 -9.24
C ILE A 151 -0.02 15.92 -9.62
N THR A 152 1.21 15.42 -9.79
CA THR A 152 2.32 16.26 -10.21
C THR A 152 2.07 16.85 -11.60
N ALA A 153 1.61 16.01 -12.52
CA ALA A 153 1.39 16.42 -13.90
C ALA A 153 0.30 17.48 -14.05
N THR A 154 -0.67 17.46 -13.15
CA THR A 154 -1.80 18.39 -13.22
C THR A 154 -1.43 19.77 -12.67
N ILE A 155 -0.24 19.90 -12.08
CA ILE A 155 0.28 21.21 -11.73
C ILE A 155 0.54 21.96 -13.03
N ALA A 156 -0.41 22.79 -13.42
CA ALA A 156 -0.33 23.51 -14.70
C ALA A 156 -1.07 24.84 -14.62
N ALA A 160 -7.72 27.04 -14.24
CA ALA A 160 -8.82 27.71 -14.91
C ALA A 160 -10.14 27.52 -14.16
N PHE A 161 -10.60 28.58 -13.50
CA PHE A 161 -11.86 28.54 -12.78
C PHE A 161 -13.05 28.50 -13.74
N ILE A 162 -14.12 27.84 -13.31
CA ILE A 162 -15.39 27.95 -14.01
C ILE A 162 -16.24 28.99 -13.29
N GLY A 163 -16.29 30.19 -13.86
CA GLY A 163 -16.97 31.30 -13.20
C GLY A 163 -15.97 32.13 -12.41
N THR A 164 -16.48 33.10 -11.66
CA THR A 164 -15.63 33.98 -10.89
C THR A 164 -15.69 33.62 -9.40
N PRO A 165 -14.52 33.37 -8.79
CA PRO A 165 -14.39 32.89 -7.41
C PRO A 165 -15.16 33.70 -6.37
N TYR A 166 -15.04 35.03 -6.44
CA TYR A 166 -15.60 35.89 -5.39
C TYR A 166 -17.11 35.83 -5.31
N TRP A 167 -17.76 35.53 -6.43
CA TRP A 167 -19.22 35.46 -6.49
C TRP A 167 -19.76 34.05 -6.28
N MET A 168 -18.86 33.11 -6.02
CA MET A 168 -19.26 31.72 -5.83
C MET A 168 -19.85 31.47 -4.45
N ALA A 169 -20.98 30.77 -4.41
CA ALA A 169 -21.54 30.30 -3.16
C ALA A 169 -20.61 29.28 -2.52
N PRO A 170 -20.61 29.19 -1.18
CA PRO A 170 -19.73 28.27 -0.45
C PRO A 170 -19.72 26.84 -0.99
N GLU A 171 -20.88 26.34 -1.42
CA GLU A 171 -20.96 24.97 -1.92
C GLU A 171 -20.35 24.84 -3.31
N VAL A 172 -20.28 25.96 -4.03
CA VAL A 172 -19.63 25.98 -5.33
C VAL A 172 -18.11 26.12 -5.14
N ALA A 173 -17.73 26.95 -4.17
CA ALA A 173 -16.34 27.17 -3.84
C ALA A 173 -15.65 25.88 -3.44
N ALA A 174 -16.39 25.01 -2.76
CA ALA A 174 -15.86 23.74 -2.28
C ALA A 174 -15.46 22.84 -3.44
N VAL A 175 -16.16 22.99 -4.56
CA VAL A 175 -15.94 22.15 -5.72
C VAL A 175 -14.97 22.81 -6.70
N GLU A 176 -14.84 24.12 -6.60
CA GLU A 176 -13.99 24.86 -7.52
C GLU A 176 -12.56 24.99 -7.00
N ARG A 177 -12.35 24.60 -5.74
CA ARG A 177 -11.03 24.66 -5.13
C ARG A 177 -10.05 23.64 -5.72
N LYS A 178 -8.76 23.86 -5.49
CA LYS A 178 -7.73 22.95 -5.97
C LYS A 178 -6.52 22.97 -5.05
N GLY A 179 -5.85 21.82 -4.92
CA GLY A 179 -4.69 21.71 -4.05
C GLY A 179 -5.02 21.98 -2.60
N GLY A 180 -4.13 22.69 -1.91
CA GLY A 180 -4.38 23.07 -0.53
C GLY A 180 -4.14 21.96 0.48
N TYR A 181 -3.56 20.86 0.03
CA TYR A 181 -3.20 19.77 0.95
C TYR A 181 -1.75 19.35 0.75
N ASN A 182 -1.18 18.71 1.76
CA ASN A 182 0.21 18.24 1.69
C ASN A 182 0.35 16.75 1.99
N GLN A 183 1.59 16.32 2.17
CA GLN A 183 1.92 14.90 2.33
C GLN A 183 1.34 14.26 3.58
N LEU A 184 0.81 15.09 4.48
CA LEU A 184 0.22 14.58 5.72
C LEU A 184 -1.05 13.76 5.46
N CYS A 185 -1.59 13.88 4.25
CA CYS A 185 -2.77 13.11 3.87
C CYS A 185 -2.45 11.63 3.77
N ASP A 186 -1.18 11.32 3.53
CA ASP A 186 -0.73 9.93 3.48
C ASP A 186 -0.91 9.27 4.84
N LEU A 187 -0.71 10.05 5.90
CA LEU A 187 -0.84 9.54 7.26
C LEU A 187 -2.28 9.15 7.57
N TRP A 188 -3.22 9.89 7.01
CA TRP A 188 -4.64 9.55 7.15
C TRP A 188 -4.91 8.21 6.49
N ALA A 189 -4.35 8.03 5.30
CA ALA A 189 -4.53 6.79 4.55
C ALA A 189 -3.94 5.60 5.30
N VAL A 190 -2.89 5.85 6.08
CA VAL A 190 -2.31 4.82 6.93
C VAL A 190 -3.32 4.38 8.00
N GLY A 191 -4.03 5.36 8.56
CA GLY A 191 -5.05 5.10 9.55
C GLY A 191 -6.21 4.31 8.98
N ILE A 192 -6.63 4.69 7.77
CA ILE A 192 -7.72 3.98 7.09
C ILE A 192 -7.29 2.58 6.71
N THR A 193 -6.05 2.44 6.24
CA THR A 193 -5.50 1.15 5.87
C THR A 193 -5.43 0.22 7.07
N ALA A 194 -5.12 0.79 8.24
CA ALA A 194 -5.10 0.04 9.48
C ALA A 194 -6.47 -0.59 9.76
N ILE A 195 -7.52 0.19 9.54
CA ILE A 195 -8.88 -0.30 9.67
C ILE A 195 -9.19 -1.32 8.57
N GLU A 196 -8.75 -1.01 7.36
CA GLU A 196 -8.96 -1.88 6.20
C GLU A 196 -8.44 -3.29 6.44
N LEU A 197 -7.21 -3.38 6.95
CA LEU A 197 -6.58 -4.66 7.23
C LEU A 197 -7.27 -5.37 8.40
N ALA A 198 -7.96 -4.59 9.22
CA ALA A 198 -8.62 -5.12 10.41
C ALA A 198 -10.04 -5.59 10.12
N GLU A 199 -10.72 -4.89 9.20
CA GLU A 199 -12.13 -5.14 8.96
C GLU A 199 -12.43 -5.46 7.50
N LEU A 200 -11.39 -5.83 6.76
CA LEU A 200 -11.50 -6.32 5.38
C LEU A 200 -12.05 -5.29 4.37
N GLN A 201 -12.28 -4.06 4.84
CA GLN A 201 -12.71 -2.97 3.97
C GLN A 201 -12.63 -1.65 4.72
N PRO A 202 -12.41 -0.53 3.99
CA PRO A 202 -12.36 0.78 4.65
C PRO A 202 -13.73 1.19 5.17
N PRO A 203 -13.77 2.12 6.12
CA PRO A 203 -15.07 2.65 6.56
C PRO A 203 -15.79 3.36 5.40
N MET A 204 -17.11 3.40 5.45
CA MET A 204 -17.92 4.04 4.40
C MET A 204 -17.81 3.36 3.04
N PHE A 205 -17.27 2.14 3.00
CA PHE A 205 -17.04 1.44 1.74
C PHE A 205 -18.34 1.08 1.02
N ASP A 206 -19.44 1.05 1.76
CA ASP A 206 -20.73 0.69 1.19
C ASP A 206 -21.43 1.89 0.54
N LEU A 207 -20.96 3.09 0.87
CA LEU A 207 -21.50 4.31 0.27
C LEU A 207 -20.98 4.51 -1.14
N HIS A 208 -21.66 5.37 -1.90
CA HIS A 208 -21.15 5.80 -3.19
C HIS A 208 -19.93 6.69 -2.97
N PRO A 209 -18.93 6.60 -3.87
CA PRO A 209 -17.70 7.37 -3.76
C PRO A 209 -17.92 8.87 -3.55
N MET A 210 -18.81 9.46 -4.33
CA MET A 210 -19.10 10.89 -4.19
C MET A 210 -19.76 11.19 -2.85
N ARG A 211 -20.66 10.32 -2.42
CA ARG A 211 -21.36 10.49 -1.15
C ARG A 211 -20.39 10.43 0.02
N ALA A 212 -19.41 9.54 -0.08
CA ALA A 212 -18.42 9.38 0.99
C ALA A 212 -17.52 10.60 1.12
N LEU A 213 -17.16 11.19 -0.02
CA LEU A 213 -16.31 12.38 -0.03
C LEU A 213 -17.05 13.59 0.52
N PHE A 214 -18.34 13.68 0.22
CA PHE A 214 -19.16 14.80 0.68
C PHE A 214 -19.32 14.78 2.20
N LEU A 215 -19.43 13.59 2.78
CA LEU A 215 -19.60 13.45 4.22
C LEU A 215 -18.36 13.90 4.98
N MET A 216 -17.19 13.71 4.37
CA MET A 216 -15.93 14.06 5.01
C MET A 216 -15.72 15.58 5.09
N THR A 217 -16.39 16.31 4.21
CA THR A 217 -16.22 17.76 4.15
C THR A 217 -17.16 18.48 5.10
N LYS A 218 -18.18 17.77 5.57
CA LYS A 218 -19.14 18.34 6.51
C LYS A 218 -18.45 18.72 7.81
N SER A 219 -18.83 19.86 8.36
CA SER A 219 -18.21 20.38 9.57
C SER A 219 -18.37 19.41 10.75
N ASN A 220 -19.48 18.67 10.76
CA ASN A 220 -19.77 17.74 11.85
C ASN A 220 -19.20 16.35 11.61
N PHE A 221 -18.21 16.24 10.72
CA PHE A 221 -17.62 14.95 10.44
C PHE A 221 -16.69 14.49 11.56
N GLN A 222 -16.83 13.23 11.97
CA GLN A 222 -15.97 12.65 12.97
C GLN A 222 -15.23 11.44 12.40
N PRO A 223 -13.89 11.43 12.53
CA PRO A 223 -13.04 10.34 12.02
C PRO A 223 -13.50 8.97 12.50
N PRO A 224 -13.40 7.96 11.62
CA PRO A 224 -13.85 6.60 11.93
C PRO A 224 -13.04 5.93 13.03
N LYS A 225 -13.64 4.94 13.67
CA LYS A 225 -12.94 4.13 14.67
C LYS A 225 -13.03 2.66 14.29
N LEU A 226 -12.46 1.79 15.12
CA LEU A 226 -12.59 0.36 14.93
C LEU A 226 -13.89 -0.13 15.58
N LYS A 227 -14.70 -0.85 14.82
CA LYS A 227 -16.01 -1.26 15.26
C LYS A 227 -15.95 -2.12 16.52
N ASP A 228 -15.12 -3.15 16.50
CA ASP A 228 -14.88 -3.97 17.68
C ASP A 228 -14.05 -3.20 18.70
N LYS A 229 -14.72 -2.62 19.68
CA LYS A 229 -14.04 -1.81 20.68
C LYS A 229 -13.19 -2.67 21.62
N MET A 230 -13.46 -3.96 21.64
CA MET A 230 -12.83 -4.86 22.61
C MET A 230 -11.88 -5.87 21.97
N LYS A 231 -11.92 -5.99 20.65
CA LYS A 231 -11.06 -6.95 19.95
C LYS A 231 -9.62 -6.47 19.87
N TRP A 232 -9.44 -5.15 19.82
CA TRP A 232 -8.10 -4.59 19.68
C TRP A 232 -7.71 -3.73 20.89
N SER A 233 -6.40 -3.63 21.12
CA SER A 233 -5.87 -2.93 22.29
C SER A 233 -6.10 -1.42 22.22
N ASN A 234 -5.74 -0.74 23.30
CA ASN A 234 -5.86 0.71 23.36
C ASN A 234 -4.84 1.40 22.48
N SER A 235 -3.69 0.76 22.29
CA SER A 235 -2.63 1.31 21.44
C SER A 235 -3.08 1.38 19.99
N PHE A 236 -3.63 0.28 19.49
CA PHE A 236 -4.13 0.22 18.11
C PHE A 236 -5.21 1.28 17.91
N HIS A 237 -6.15 1.37 18.86
CA HIS A 237 -7.19 2.39 18.81
C HIS A 237 -6.57 3.79 18.83
N HIS A 238 -5.60 3.99 19.72
CA HIS A 238 -4.96 5.29 19.87
C HIS A 238 -4.12 5.63 18.64
N PHE A 239 -3.51 4.61 18.05
CA PHE A 239 -2.71 4.78 16.83
C PHE A 239 -3.57 5.31 15.70
N VAL A 240 -4.75 4.72 15.55
CA VAL A 240 -5.70 5.15 14.52
C VAL A 240 -6.25 6.54 14.85
N LYS A 241 -6.46 6.80 16.13
CA LYS A 241 -6.99 8.09 16.57
C LYS A 241 -6.03 9.23 16.19
N MET A 242 -4.74 8.98 16.34
CA MET A 242 -3.72 9.95 15.96
C MET A 242 -3.64 10.08 14.44
N ALA A 243 -3.49 8.95 13.77
CA ALA A 243 -3.37 8.91 12.31
C ALA A 243 -4.59 9.52 11.64
N LEU A 244 -5.76 9.34 12.26
CA LEU A 244 -7.00 9.91 11.73
C LEU A 244 -7.37 11.20 12.47
N THR A 245 -6.48 12.18 12.42
CA THR A 245 -6.79 13.51 12.92
C THR A 245 -7.38 14.34 11.78
N LYS A 246 -8.60 14.81 11.96
CA LYS A 246 -9.31 15.56 10.92
C LYS A 246 -8.52 16.79 10.49
N ASN A 247 -8.00 17.53 11.46
CA ASN A 247 -7.20 18.72 11.19
C ASN A 247 -5.78 18.35 10.76
N PRO A 248 -5.42 18.68 9.51
CA PRO A 248 -4.11 18.32 8.96
C PRO A 248 -2.94 18.99 9.66
N LYS A 249 -3.15 20.19 10.18
CA LYS A 249 -2.07 20.93 10.85
C LYS A 249 -1.68 20.27 12.17
N LYS A 250 -2.66 19.67 12.85
CA LYS A 250 -2.40 18.99 14.11
C LYS A 250 -2.11 17.51 13.90
N ARG A 251 -2.24 17.04 12.67
CA ARG A 251 -1.99 15.64 12.37
C ARG A 251 -0.50 15.32 12.46
N PRO A 252 -0.16 14.23 13.16
CA PRO A 252 1.25 13.83 13.30
C PRO A 252 1.89 13.46 11.97
N THR A 253 3.16 13.82 11.80
CA THR A 253 3.88 13.50 10.58
C THR A 253 4.30 12.03 10.57
N ALA A 254 5.06 11.64 9.56
CA ALA A 254 5.48 10.25 9.42
C ALA A 254 6.48 9.85 10.50
N GLU A 255 7.30 10.81 10.93
CA GLU A 255 8.29 10.53 11.97
C GLU A 255 7.65 10.48 13.34
N LYS A 256 6.74 11.40 13.61
CA LYS A 256 6.04 11.44 14.89
C LYS A 256 5.25 10.16 15.12
N LEU A 257 4.65 9.65 14.05
CA LEU A 257 3.83 8.44 14.15
C LEU A 257 4.70 7.19 14.24
N LEU A 258 5.96 7.31 13.84
CA LEU A 258 6.91 6.21 13.95
C LEU A 258 7.40 6.08 15.38
N GLN A 259 7.16 7.11 16.18
CA GLN A 259 7.55 7.12 17.59
C GLN A 259 6.43 6.57 18.47
N HIS A 260 5.38 6.07 17.84
CA HIS A 260 4.20 5.58 18.56
C HIS A 260 4.40 4.13 19.01
N PRO A 261 3.92 3.81 20.24
CA PRO A 261 3.98 2.47 20.83
C PRO A 261 3.54 1.34 19.91
N PHE A 262 2.45 1.55 19.18
CA PHE A 262 1.89 0.51 18.32
C PHE A 262 2.87 0.04 17.25
N VAL A 263 3.79 0.91 16.87
CA VAL A 263 4.77 0.58 15.84
C VAL A 263 6.21 0.57 16.37
N THR A 264 6.40 1.07 17.59
CA THR A 264 7.74 1.09 18.18
C THR A 264 8.00 -0.17 19.00
N GLN A 265 6.95 -0.96 19.22
CA GLN A 265 7.09 -2.25 19.90
C GLN A 265 7.88 -3.23 19.05
N HIS A 266 8.20 -4.38 19.60
CA HIS A 266 8.99 -5.37 18.86
C HIS A 266 8.15 -6.02 17.76
N LEU A 267 8.57 -5.79 16.51
CA LEU A 267 7.87 -6.29 15.34
C LEU A 267 8.85 -6.76 14.28
N THR A 268 8.79 -8.04 13.92
CA THR A 268 9.69 -8.59 12.92
C THR A 268 8.92 -9.17 11.74
N ARG A 269 9.65 -9.50 10.67
CA ARG A 269 9.03 -9.99 9.44
C ARG A 269 8.47 -11.41 9.58
N SER A 270 8.58 -11.96 10.79
CA SER A 270 8.00 -13.26 11.09
C SER A 270 6.49 -13.20 10.91
N LEU A 271 5.91 -12.08 11.30
CA LEU A 271 4.47 -11.89 11.25
C LEU A 271 3.93 -11.94 9.81
N ALA A 272 4.74 -11.47 8.87
CA ALA A 272 4.37 -11.49 7.46
C ALA A 272 4.55 -12.89 6.87
N ILE A 273 5.56 -13.61 7.34
CA ILE A 273 5.77 -14.99 6.96
C ILE A 273 4.57 -15.82 7.39
N GLU A 274 4.11 -15.59 8.61
CA GLU A 274 2.89 -16.22 9.14
C GLU A 274 1.73 -15.99 8.18
N LEU A 275 1.54 -14.73 7.82
CA LEU A 275 0.46 -14.33 6.92
C LEU A 275 0.60 -15.02 5.57
N LEU A 276 1.83 -15.13 5.08
CA LEU A 276 2.08 -15.76 3.79
C LEU A 276 1.79 -17.26 3.82
N ASP A 277 2.09 -17.90 4.95
CA ASP A 277 1.86 -19.33 5.09
C ASP A 277 0.37 -19.64 5.13
N LYS A 278 -0.40 -18.74 5.72
CA LYS A 278 -1.85 -18.89 5.80
C LYS A 278 -2.47 -18.80 4.40
N VAL A 279 -1.86 -17.99 3.54
CA VAL A 279 -2.26 -17.90 2.14
C VAL A 279 -1.83 -19.17 1.39
N ASN A 280 -0.69 -19.72 1.79
CA ASN A 280 -0.19 -20.98 1.23
C ASN A 280 -0.77 -22.18 1.94
N ASN A 281 -1.85 -21.93 2.68
CA ASN A 281 -2.57 -22.97 3.41
C ASN A 281 -4.10 -23.10 3.14
N PRO A 282 -4.52 -23.19 1.86
CA PRO A 282 -5.94 -23.48 1.57
C PRO A 282 -6.15 -24.86 0.94
N SER A 285 -5.91 -26.78 6.42
CA SER A 285 -5.03 -27.84 6.92
C SER A 285 -4.37 -27.40 8.22
N THR A 286 -4.72 -28.05 9.32
CA THR A 286 -4.19 -27.69 10.63
C THR A 286 -3.15 -28.72 11.11
N TYR A 287 -2.99 -29.78 10.34
CA TYR A 287 -2.08 -30.86 10.71
C TYR A 287 -1.42 -31.53 9.50
N HIS A 288 -0.38 -32.29 9.77
CA HIS A 288 0.28 -33.10 8.75
C HIS A 288 0.94 -34.31 9.41
N ASP A 289 1.21 -35.34 8.62
CA ASP A 289 1.82 -36.58 9.14
C ASP A 289 3.10 -36.32 9.92
N PHE A 290 3.26 -37.01 11.03
CA PHE A 290 4.49 -36.89 11.83
C PHE A 290 4.70 -38.11 12.72
N ASP A 291 5.92 -38.22 13.24
CA ASP A 291 6.26 -39.31 14.16
C ASP A 291 7.04 -38.76 15.35
N ASP A 292 6.47 -38.81 16.53
CA ASP A 292 7.13 -38.29 17.70
C ASP A 292 7.46 -39.35 18.74
N ASP A 293 8.70 -39.83 18.75
CA ASP A 293 9.14 -40.81 19.72
C ASP A 293 10.57 -40.42 19.99
N ASP A 294 11.35 -41.29 20.58
CA ASP A 294 12.65 -40.95 21.10
C ASP A 294 13.63 -41.08 20.00
N PRO A 295 14.21 -39.96 19.61
CA PRO A 295 15.16 -39.84 18.49
C PRO A 295 16.35 -40.78 18.63
N GLU A 296 17.10 -40.67 19.73
CA GLU A 296 18.24 -41.54 19.94
C GLU A 296 18.04 -42.52 21.09
N PRO A 297 18.23 -43.82 20.81
CA PRO A 297 18.18 -44.89 21.81
C PRO A 297 19.22 -44.72 22.91
N LEU A 298 20.39 -44.18 22.56
CA LEU A 298 21.47 -43.98 23.52
C LEU A 298 21.04 -43.16 24.73
N VAL A 299 20.17 -42.17 24.50
CA VAL A 299 19.68 -41.32 25.57
C VAL A 299 18.17 -41.42 25.71
N ALA A 300 17.61 -42.52 25.22
CA ALA A 300 16.18 -42.77 25.36
C ALA A 300 15.87 -43.24 26.78
N VAL A 301 15.07 -42.47 27.50
CA VAL A 301 14.72 -42.80 28.88
C VAL A 301 13.83 -44.04 28.93
N PRO A 302 14.28 -45.08 29.65
CA PRO A 302 13.58 -46.37 29.74
C PRO A 302 12.25 -46.27 30.46
N HIS A 303 11.37 -47.24 30.23
CA HIS A 303 10.06 -47.26 30.90
C HIS A 303 9.50 -48.67 31.05
N ARG A 304 9.55 -49.18 32.28
CA ARG A 304 8.91 -50.45 32.62
C ARG A 304 8.12 -50.30 33.91
#